data_8UI6
#
_entry.id   8UI6
#
_cell.length_a   61.252
_cell.length_b   66.913
_cell.length_c   163.581
_cell.angle_alpha   90.000
_cell.angle_beta   90.000
_cell.angle_gamma   90.000
#
_symmetry.space_group_name_H-M   'P 2 21 21'
#
loop_
_entity.id
_entity.type
_entity.pdbx_description
1 polymer 'Glycosyl transferase'
2 polymer Mucin-5AC
3 non-polymer 'MANGANESE (II) ION'
4 non-polymer "URIDINE-5'-DIPHOSPHATE"
5 non-polymer 'TETRAETHYLENE GLYCOL'
6 non-polymer 2-acetamido-2-deoxy-alpha-D-galactopyranose
7 water water
#
loop_
_entity_poly.entity_id
_entity_poly.type
_entity_poly.pdbx_seq_one_letter_code
_entity_poly.pdbx_strand_id
1 'polypeptide(L)'
;GARDVQEGVSSFEESGGAQLPPRVHALEVLEGAGPGRLHGRLGIKPDGQPGYTRAPSPPTDLSMPQALARGGGFNLYLSD
HLELDRTAPDARHASCRQLHYDLSTLPKASVIIVFYNEPFSTLMRSVHSVLNGTPPQILEELILVDDGSTLPYIREDGNQ
QLVEYLKLLPAKVRLIRNEVRKGIVGARMKGIRASRAPIFAILDSHIEVSPQWLEPLLLRIKEDSRRVVMPQIDGIDAET
FKHIAGGIGCKLGFLWKLMEHSYEGHQTARLPPEERQPSPTDFQTSPAMAGGLFAANKAFFFDVGAYDEDFQFWGTENLE
LSFRLWQCGGVLECAPCSRVYHIFRKGGSGYSSPGDSITINKMRTMLWMDEYADLAWRVIGKPRVNYRPESLEKRREWRK
RKGCKSFRWFMENVFPEGDVVTLDDVPYLGPLRNDKIGMCLDNMGWASPGHAVGLEYCHGGDTQTFMFFRKVGHVMPVND
DEACLQPSGRLDWCRGTAQFWWDFTSSGQLMFRETKQCLSAFGRKLRMVECDDTDPYQIWSWTAYNPPDTFTFPSVSRSI
RSG
;
A
2 'polypeptide(L)' GTTPSPVPTTSTTSAP B
#
loop_
_chem_comp.id
_chem_comp.type
_chem_comp.name
_chem_comp.formula
A2G D-saccharide, alpha linking 2-acetamido-2-deoxy-alpha-D-galactopyranose 'C8 H15 N O6'
MN non-polymer 'MANGANESE (II) ION' 'Mn 2'
PG4 non-polymer 'TETRAETHYLENE GLYCOL' 'C8 H18 O5'
UDP RNA linking URIDINE-5'-DIPHOSPHATE 'C9 H14 N2 O12 P2'
#
# COMPACT_ATOMS: atom_id res chain seq x y z
N LEU A 30 21.73 27.84 -7.21
CA LEU A 30 23.10 27.45 -6.93
C LEU A 30 23.90 27.33 -8.23
N GLU A 31 25.21 27.24 -8.09
CA GLU A 31 26.12 27.18 -9.23
C GLU A 31 26.54 25.74 -9.50
N GLY A 32 27.05 25.53 -10.72
CA GLY A 32 27.52 24.22 -11.12
C GLY A 32 26.47 23.33 -11.75
N ALA A 33 25.37 23.90 -12.23
CA ALA A 33 24.27 23.11 -12.76
C ALA A 33 24.69 22.37 -14.03
N GLY A 34 23.91 21.34 -14.37
CA GLY A 34 24.16 20.54 -15.54
C GLY A 34 23.56 19.15 -15.40
N PRO A 35 23.83 18.29 -16.38
CA PRO A 35 23.33 16.91 -16.30
C PRO A 35 23.76 16.22 -15.02
N GLY A 36 22.78 15.64 -14.32
CA GLY A 36 23.01 14.97 -13.06
C GLY A 36 22.95 15.86 -11.84
N ARG A 37 23.11 17.18 -12.02
CA ARG A 37 23.05 18.16 -10.93
C ARG A 37 22.20 19.32 -11.44
N LEU A 38 20.90 19.06 -11.62
CA LEU A 38 20.03 19.98 -12.34
C LEU A 38 19.78 21.28 -11.58
N HIS A 39 20.04 21.32 -10.27
CA HIS A 39 19.91 22.54 -9.50
C HIS A 39 21.26 23.06 -9.02
N GLY A 40 22.36 22.52 -9.53
CA GLY A 40 23.69 22.92 -9.11
C GLY A 40 24.24 21.98 -8.04
N ARG A 41 25.49 22.25 -7.66
CA ARG A 41 26.15 21.44 -6.65
C ARG A 41 25.59 21.81 -5.27
N LEU A 42 24.95 20.84 -4.63
CA LEU A 42 24.17 21.07 -3.42
C LEU A 42 24.98 20.76 -2.16
N GLY A 43 24.64 21.43 -1.07
CA GLY A 43 25.23 21.14 0.22
C GLY A 43 26.70 21.45 0.33
N ILE A 44 27.14 22.60 -0.18
CA ILE A 44 28.55 22.97 -0.19
C ILE A 44 28.70 24.26 0.61
N LYS A 45 29.53 24.22 1.65
CA LYS A 45 29.81 25.41 2.45
C LYS A 45 30.48 26.46 1.57
N PRO A 46 30.60 27.70 2.05
CA PRO A 46 31.36 28.71 1.26
C PRO A 46 32.82 28.36 1.09
N ASP A 47 33.39 27.48 1.93
CA ASP A 47 34.79 27.11 1.82
C ASP A 47 35.04 26.02 0.77
N GLY A 48 34.02 25.67 -0.01
CA GLY A 48 34.16 24.63 -1.00
C GLY A 48 34.08 23.21 -0.47
N GLN A 49 33.78 23.04 0.82
CA GLN A 49 33.76 21.75 1.49
C GLN A 49 32.33 21.29 1.71
N PRO A 50 32.06 19.98 1.66
CA PRO A 50 30.70 19.50 1.93
C PRO A 50 30.27 19.79 3.35
N GLY A 51 29.00 20.18 3.49
CA GLY A 51 28.40 20.40 4.80
C GLY A 51 27.98 19.13 5.50
N TYR A 52 28.34 17.98 4.95
CA TYR A 52 27.93 16.69 5.48
C TYR A 52 29.12 15.74 5.38
N THR A 53 29.50 15.15 6.50
CA THR A 53 30.61 14.20 6.57
C THR A 53 30.05 12.79 6.45
N ARG A 54 30.47 12.07 5.42
CA ARG A 54 30.07 10.68 5.26
C ARG A 54 30.70 9.83 6.35
N ALA A 55 29.91 8.91 6.90
CA ALA A 55 30.41 8.01 7.92
C ALA A 55 31.40 7.01 7.31
N PRO A 56 32.31 6.47 8.10
CA PRO A 56 33.17 5.39 7.61
C PRO A 56 32.32 4.18 7.22
N SER A 57 32.97 3.25 6.51
CA SER A 57 32.28 2.05 6.08
C SER A 57 31.71 1.31 7.29
N PRO A 58 30.58 0.63 7.14
CA PRO A 58 29.97 -0.03 8.29
C PRO A 58 30.94 -1.00 8.94
N PRO A 59 30.85 -1.20 10.25
CA PRO A 59 31.75 -2.15 10.92
C PRO A 59 31.63 -3.55 10.32
N THR A 60 32.77 -4.25 10.29
CA THR A 60 32.80 -5.58 9.69
C THR A 60 31.91 -6.55 10.48
N ASP A 61 31.94 -6.46 11.80
CA ASP A 61 31.10 -7.30 12.66
C ASP A 61 29.81 -6.54 12.96
N LEU A 62 28.85 -6.65 12.03
CA LEU A 62 27.55 -6.00 12.18
C LEU A 62 26.47 -7.06 12.10
N SER A 63 25.66 -7.17 13.14
CA SER A 63 24.51 -8.06 13.14
C SER A 63 23.35 -7.33 12.49
N MET A 64 23.02 -7.72 11.26
CA MET A 64 22.01 -6.99 10.51
C MET A 64 20.70 -6.83 11.27
N PRO A 65 20.16 -7.85 11.94
CA PRO A 65 18.92 -7.63 12.72
C PRO A 65 19.04 -6.49 13.71
N GLN A 66 20.19 -6.37 14.38
CA GLN A 66 20.39 -5.26 15.30
C GLN A 66 20.37 -3.93 14.56
N ALA A 67 21.06 -3.85 13.43
CA ALA A 67 21.15 -2.59 12.70
C ALA A 67 19.81 -2.23 12.05
N LEU A 68 19.07 -3.23 11.55
CA LEU A 68 17.76 -2.96 10.99
C LEU A 68 16.80 -2.43 12.05
N ALA A 69 16.98 -2.85 13.31
CA ALA A 69 16.15 -2.37 14.40
C ALA A 69 16.64 -1.05 14.98
N ARG A 70 17.86 -0.62 14.66
CA ARG A 70 18.35 0.68 15.10
C ARG A 70 17.97 1.78 14.12
N GLY A 71 18.19 1.56 12.83
CA GLY A 71 17.84 2.52 11.81
C GLY A 71 16.36 2.59 11.49
N GLY A 72 15.55 1.80 12.17
CA GLY A 72 14.12 1.82 11.92
C GLY A 72 13.72 1.10 10.66
N GLY A 73 14.27 -0.08 10.43
CA GLY A 73 13.91 -0.90 9.29
C GLY A 73 14.90 -0.89 8.16
N PHE A 74 16.00 -0.17 8.27
CA PHE A 74 17.06 -0.24 7.27
C PHE A 74 18.40 0.00 7.93
N ASN A 75 19.46 -0.43 7.25
CA ASN A 75 20.82 -0.32 7.75
C ASN A 75 21.24 1.15 7.72
N LEU A 76 21.23 1.80 8.88
CA LEU A 76 21.61 3.20 8.94
C LEU A 76 23.13 3.37 8.82
N TYR A 77 23.91 2.39 9.27
CA TYR A 77 25.35 2.50 9.15
C TYR A 77 25.76 2.68 7.69
N LEU A 78 25.18 1.88 6.79
CA LEU A 78 25.53 1.98 5.38
C LEU A 78 25.02 3.28 4.79
N SER A 79 23.78 3.65 5.12
CA SER A 79 23.20 4.90 4.62
C SER A 79 24.08 6.09 4.98
N ASP A 80 24.54 6.14 6.24
CA ASP A 80 25.39 7.24 6.67
C ASP A 80 26.73 7.23 5.97
N HIS A 81 27.15 6.09 5.41
CA HIS A 81 28.38 6.02 4.65
C HIS A 81 28.19 6.38 3.20
N LEU A 82 27.01 6.13 2.64
CA LEU A 82 26.75 6.41 1.24
C LEU A 82 26.62 7.91 0.98
N GLU A 83 27.07 8.32 -0.20
CA GLU A 83 27.02 9.73 -0.59
C GLU A 83 25.57 10.18 -0.74
N LEU A 84 25.36 11.49 -0.55
CA LEU A 84 24.03 12.06 -0.80
C LEU A 84 23.76 12.22 -2.28
N ASP A 85 24.77 12.62 -3.05
CA ASP A 85 24.68 12.65 -4.52
C ASP A 85 24.95 11.25 -5.08
N ARG A 86 24.08 10.32 -4.71
CA ARG A 86 24.25 8.91 -5.02
C ARG A 86 23.67 8.61 -6.41
N THR A 87 24.50 8.05 -7.28
CA THR A 87 24.03 7.69 -8.61
C THR A 87 23.14 6.45 -8.53
N ALA A 88 22.05 6.46 -9.29
CA ALA A 88 21.12 5.36 -9.32
C ALA A 88 20.93 4.88 -10.75
N PRO A 89 20.80 3.57 -10.98
CA PRO A 89 20.54 3.08 -12.34
C PRO A 89 19.18 3.56 -12.84
N ASP A 90 19.13 3.86 -14.13
CA ASP A 90 17.89 4.27 -14.80
C ASP A 90 17.00 3.05 -14.95
N ALA A 91 15.97 2.95 -14.10
CA ALA A 91 15.08 1.79 -14.10
C ALA A 91 14.04 1.84 -15.21
N ARG A 92 13.97 2.93 -15.98
CA ARG A 92 12.93 3.05 -17.00
C ARG A 92 13.22 2.16 -18.19
N HIS A 93 12.15 1.63 -18.78
CA HIS A 93 12.27 0.91 -20.04
C HIS A 93 12.89 1.80 -21.11
N ALA A 94 13.54 1.18 -22.08
CA ALA A 94 14.23 1.95 -23.12
C ALA A 94 13.26 2.87 -23.85
N SER A 95 12.06 2.39 -24.16
CA SER A 95 11.10 3.20 -24.91
C SER A 95 10.66 4.44 -24.14
N CYS A 96 10.84 4.45 -22.82
CA CYS A 96 10.49 5.64 -22.04
C CYS A 96 11.47 6.78 -22.27
N ARG A 97 12.72 6.45 -22.62
CA ARG A 97 13.74 7.48 -22.82
C ARG A 97 13.65 8.14 -24.19
N GLN A 98 12.82 7.63 -25.08
CA GLN A 98 12.66 8.18 -26.42
C GLN A 98 11.54 9.22 -26.49
N LEU A 99 11.07 9.71 -25.34
CA LEU A 99 10.00 10.68 -25.27
C LEU A 99 10.56 12.05 -24.89
N HIS A 100 9.95 13.09 -25.44
CA HIS A 100 10.41 14.46 -25.26
C HIS A 100 9.31 15.29 -24.61
N TYR A 101 9.72 16.27 -23.82
CA TYR A 101 8.81 17.14 -23.09
C TYR A 101 9.23 18.59 -23.25
N ASP A 102 8.25 19.46 -23.49
CA ASP A 102 8.49 20.90 -23.60
C ASP A 102 8.28 21.50 -22.21
N LEU A 103 9.38 21.67 -21.46
CA LEU A 103 9.28 22.12 -20.08
C LEU A 103 8.64 23.49 -19.95
N SER A 104 8.59 24.26 -21.03
CA SER A 104 7.97 25.58 -20.95
C SER A 104 6.45 25.50 -20.97
N THR A 105 5.89 24.46 -21.58
CA THR A 105 4.45 24.28 -21.63
C THR A 105 3.91 23.51 -20.44
N LEU A 106 4.76 22.78 -19.72
CA LEU A 106 4.31 21.97 -18.60
C LEU A 106 4.11 22.85 -17.36
N PRO A 107 3.09 22.57 -16.57
CA PRO A 107 2.89 23.36 -15.33
C PRO A 107 3.91 23.00 -14.28
N LYS A 108 4.27 23.99 -13.47
CA LYS A 108 5.21 23.77 -12.38
C LYS A 108 4.52 23.03 -11.24
N ALA A 109 5.33 22.36 -10.43
CA ALA A 109 4.81 21.50 -9.38
C ALA A 109 5.54 21.74 -8.07
N SER A 110 4.90 21.34 -6.99
CA SER A 110 5.47 21.39 -5.65
C SER A 110 5.68 19.95 -5.19
N VAL A 111 6.91 19.62 -4.83
CA VAL A 111 7.23 18.33 -4.26
C VAL A 111 7.13 18.44 -2.75
N ILE A 112 6.40 17.52 -2.13
CA ILE A 112 6.13 17.53 -0.70
C ILE A 112 6.69 16.24 -0.11
N ILE A 113 7.70 16.38 0.75
CA ILE A 113 8.26 15.26 1.49
C ILE A 113 7.94 15.48 2.97
N VAL A 114 7.12 14.62 3.53
CA VAL A 114 6.83 14.63 4.95
C VAL A 114 7.71 13.57 5.62
N PHE A 115 7.94 13.75 6.92
CA PHE A 115 8.82 12.82 7.63
C PHE A 115 8.61 12.96 9.13
N TYR A 116 8.72 11.83 9.82
CA TYR A 116 8.76 11.80 11.28
C TYR A 116 10.01 11.00 11.68
N ASN A 117 11.00 11.70 12.23
CA ASN A 117 12.24 11.07 12.71
C ASN A 117 12.93 10.28 11.61
N GLU A 118 12.95 10.84 10.40
CA GLU A 118 13.75 10.23 9.34
C GLU A 118 15.21 10.60 9.53
N PRO A 119 16.13 9.65 9.39
CA PRO A 119 17.56 9.98 9.51
C PRO A 119 17.99 11.03 8.52
N PHE A 120 19.05 11.77 8.89
CA PHE A 120 19.59 12.82 8.03
C PHE A 120 19.98 12.25 6.66
N SER A 121 20.74 11.16 6.64
CA SER A 121 21.27 10.65 5.38
C SER A 121 20.16 10.28 4.41
N THR A 122 19.16 9.54 4.88
CA THR A 122 18.08 9.14 3.98
C THR A 122 17.25 10.35 3.55
N LEU A 123 16.98 11.28 4.46
CA LEU A 123 16.12 12.42 4.14
C LEU A 123 16.81 13.35 3.14
N MET A 124 18.08 13.66 3.38
CA MET A 124 18.79 14.55 2.46
C MET A 124 19.10 13.87 1.14
N ARG A 125 19.33 12.56 1.15
CA ARG A 125 19.52 11.86 -0.13
C ARG A 125 18.26 11.98 -0.99
N SER A 126 17.09 11.92 -0.34
CA SER A 126 15.84 12.17 -1.05
C SER A 126 15.82 13.58 -1.63
N VAL A 127 16.20 14.57 -0.82
CA VAL A 127 16.24 15.96 -1.28
C VAL A 127 17.21 16.10 -2.44
N HIS A 128 18.44 15.63 -2.28
CA HIS A 128 19.41 15.74 -3.36
C HIS A 128 18.91 15.05 -4.62
N SER A 129 18.25 13.90 -4.47
CA SER A 129 17.78 13.15 -5.63
C SER A 129 16.75 13.94 -6.40
N VAL A 130 15.81 14.57 -5.70
CA VAL A 130 14.79 15.38 -6.37
C VAL A 130 15.42 16.59 -7.03
N LEU A 131 16.24 17.33 -6.29
CA LEU A 131 16.84 18.54 -6.83
C LEU A 131 17.75 18.23 -8.02
N ASN A 132 18.53 17.15 -7.93
CA ASN A 132 19.44 16.82 -9.02
C ASN A 132 18.70 16.24 -10.22
N GLY A 133 17.56 15.60 -9.99
CA GLY A 133 16.87 14.88 -11.05
C GLY A 133 15.66 15.60 -11.61
N THR A 134 15.28 16.72 -11.00
CA THR A 134 14.10 17.46 -11.44
C THR A 134 14.54 18.74 -12.14
N PRO A 135 14.17 18.98 -13.38
CA PRO A 135 14.48 20.26 -14.02
C PRO A 135 13.92 21.41 -13.19
N PRO A 136 14.68 22.50 -13.04
CA PRO A 136 14.16 23.63 -12.25
C PRO A 136 12.99 24.35 -12.90
N GLN A 137 12.84 24.26 -14.22
CA GLN A 137 11.74 24.97 -14.86
C GLN A 137 10.37 24.47 -14.41
N ILE A 138 10.29 23.26 -13.87
CA ILE A 138 9.01 22.64 -13.54
C ILE A 138 8.90 22.33 -12.05
N LEU A 139 9.85 22.78 -11.24
CA LEU A 139 9.81 22.55 -9.80
C LEU A 139 9.61 23.90 -9.11
N GLU A 140 8.37 24.19 -8.73
CA GLU A 140 8.07 25.43 -8.03
C GLU A 140 8.80 25.49 -6.70
N GLU A 141 8.79 24.40 -5.95
CA GLU A 141 9.33 24.40 -4.59
C GLU A 141 9.47 22.96 -4.14
N LEU A 142 10.13 22.79 -3.00
CA LEU A 142 10.29 21.48 -2.35
C LEU A 142 9.97 21.67 -0.88
N ILE A 143 8.77 21.27 -0.48
CA ILE A 143 8.28 21.48 0.88
C ILE A 143 8.67 20.28 1.75
N LEU A 144 9.36 20.56 2.85
CA LEU A 144 9.70 19.55 3.84
C LEU A 144 8.86 19.78 5.09
N VAL A 145 8.17 18.74 5.55
CA VAL A 145 7.22 18.85 6.65
C VAL A 145 7.70 17.97 7.79
N ASP A 146 8.07 18.59 8.91
CA ASP A 146 8.46 17.89 10.12
C ASP A 146 7.20 17.56 10.92
N ASP A 147 6.80 16.30 10.89
CA ASP A 147 5.60 15.84 11.60
C ASP A 147 5.94 15.59 13.08
N GLY A 148 6.31 16.67 13.75
CA GLY A 148 6.64 16.61 15.16
C GLY A 148 7.75 15.63 15.48
N SER A 149 8.91 15.80 14.85
CA SER A 149 10.04 14.91 15.11
C SER A 149 10.65 15.18 16.48
N THR A 150 11.19 14.13 17.09
CA THR A 150 11.85 14.23 18.38
C THR A 150 13.36 14.08 18.28
N LEU A 151 13.89 13.79 17.10
CA LEU A 151 15.33 13.60 16.97
C LEU A 151 16.07 14.92 17.12
N PRO A 152 17.26 14.92 17.72
CA PRO A 152 17.97 16.20 17.94
C PRO A 152 18.31 16.94 16.68
N TYR A 153 18.67 16.24 15.60
CA TYR A 153 19.06 16.94 14.38
C TYR A 153 17.88 17.61 13.69
N ILE A 154 16.65 17.22 14.04
CA ILE A 154 15.46 17.78 13.41
C ILE A 154 14.77 18.83 14.29
N ARG A 155 15.06 18.85 15.59
CA ARG A 155 14.31 19.71 16.51
C ARG A 155 14.83 21.13 16.49
N GLU A 156 13.91 22.07 16.71
CA GLU A 156 14.28 23.47 16.83
C GLU A 156 14.85 23.82 18.20
N ASP A 157 14.89 22.87 19.13
CA ASP A 157 15.61 23.02 20.39
C ASP A 157 16.82 22.10 20.47
N GLY A 158 17.32 21.63 19.33
CA GLY A 158 18.41 20.69 19.31
C GLY A 158 19.67 21.21 18.64
N ASN A 159 20.43 20.34 17.99
CA ASN A 159 21.72 20.71 17.41
C ASN A 159 21.59 21.48 16.11
N GLN A 160 20.39 21.59 15.55
CA GLN A 160 20.14 22.46 14.40
C GLN A 160 20.89 22.00 13.15
N GLN A 161 21.15 20.70 13.03
CA GLN A 161 21.85 20.21 11.85
C GLN A 161 21.03 20.42 10.58
N LEU A 162 19.74 20.07 10.63
CA LEU A 162 18.90 20.16 9.43
C LEU A 162 18.79 21.60 8.96
N VAL A 163 18.34 22.50 9.83
CA VAL A 163 18.18 23.90 9.44
C VAL A 163 19.47 24.45 8.86
N GLU A 164 20.61 24.13 9.49
CA GLU A 164 21.89 24.65 9.02
C GLU A 164 22.22 24.12 7.63
N TYR A 165 22.01 22.82 7.40
CA TYR A 165 22.35 22.25 6.10
C TYR A 165 21.42 22.77 5.01
N LEU A 166 20.17 23.10 5.36
CA LEU A 166 19.26 23.62 4.35
C LEU A 166 19.75 24.95 3.78
N LYS A 167 20.47 25.73 4.59
CA LYS A 167 21.02 26.98 4.07
C LYS A 167 21.96 26.74 2.90
N LEU A 168 22.52 25.54 2.78
CA LEU A 168 23.40 25.18 1.67
C LEU A 168 22.63 24.62 0.49
N LEU A 169 21.31 24.56 0.55
CA LEU A 169 20.46 24.12 -0.53
C LEU A 169 19.76 25.31 -1.17
N PRO A 170 19.15 25.11 -2.35
CA PRO A 170 18.42 26.21 -2.98
C PRO A 170 17.28 26.72 -2.11
N ALA A 171 16.84 27.94 -2.40
CA ALA A 171 15.75 28.54 -1.64
C ALA A 171 14.41 27.90 -1.95
N LYS A 172 14.30 27.18 -3.08
CA LYS A 172 13.08 26.42 -3.35
C LYS A 172 12.72 25.50 -2.19
N VAL A 173 13.73 24.97 -1.51
CA VAL A 173 13.49 24.06 -0.40
C VAL A 173 13.04 24.87 0.80
N ARG A 174 11.89 24.50 1.36
CA ARG A 174 11.32 25.20 2.50
C ARG A 174 10.89 24.17 3.53
N LEU A 175 11.20 24.45 4.80
CA LEU A 175 10.87 23.57 5.91
C LEU A 175 9.72 24.17 6.71
N ILE A 176 8.61 23.44 6.76
CA ILE A 176 7.51 23.75 7.65
C ILE A 176 7.44 22.64 8.69
N ARG A 177 6.92 22.97 9.87
CA ARG A 177 6.96 22.07 11.01
C ARG A 177 5.56 21.93 11.59
N ASN A 178 5.20 20.70 11.92
CA ASN A 178 3.99 20.43 12.68
C ASN A 178 4.33 20.47 14.17
N GLU A 179 3.65 21.34 14.92
CA GLU A 179 3.89 21.45 16.34
C GLU A 179 3.88 20.09 17.04
N VAL A 180 2.95 19.23 16.64
CA VAL A 180 2.79 17.91 17.24
C VAL A 180 2.60 16.89 16.13
N ARG A 181 3.10 15.67 16.37
CA ARG A 181 2.99 14.60 15.38
C ARG A 181 1.53 14.35 15.07
N LYS A 182 1.11 14.71 13.86
CA LYS A 182 -0.28 14.54 13.44
C LYS A 182 -0.51 13.23 12.69
N GLY A 183 0.51 12.72 12.02
CA GLY A 183 0.38 11.53 11.20
C GLY A 183 0.56 11.86 9.73
N ILE A 184 0.42 10.82 8.91
CA ILE A 184 0.67 10.97 7.47
C ILE A 184 -0.33 11.95 6.87
N VAL A 185 -1.63 11.72 7.09
CA VAL A 185 -2.63 12.61 6.52
C VAL A 185 -2.43 14.03 7.05
N GLY A 186 -2.16 14.16 8.34
CA GLY A 186 -2.00 15.49 8.92
C GLY A 186 -0.79 16.23 8.39
N ALA A 187 0.30 15.50 8.13
CA ALA A 187 1.50 16.13 7.60
C ALA A 187 1.34 16.46 6.11
N ARG A 188 0.78 15.53 5.34
CA ARG A 188 0.61 15.78 3.90
C ARG A 188 -0.33 16.96 3.66
N MET A 189 -1.46 16.99 4.38
CA MET A 189 -2.39 18.10 4.21
C MET A 189 -1.72 19.43 4.52
N LYS A 190 -0.84 19.47 5.52
CA LYS A 190 -0.15 20.70 5.83
C LYS A 190 0.74 21.13 4.67
N GLY A 191 1.42 20.18 4.04
CA GLY A 191 2.27 20.52 2.91
C GLY A 191 1.46 20.91 1.68
N ILE A 192 0.35 20.22 1.44
CA ILE A 192 -0.49 20.55 0.29
C ILE A 192 -1.13 21.92 0.47
N ARG A 193 -1.55 22.25 1.69
CA ARG A 193 -2.17 23.55 1.92
C ARG A 193 -1.16 24.69 1.88
N ALA A 194 0.13 24.39 1.96
CA ALA A 194 1.17 25.38 1.80
C ALA A 194 1.70 25.46 0.38
N SER A 195 1.56 24.39 -0.39
CA SER A 195 2.05 24.39 -1.75
C SER A 195 1.37 25.50 -2.54
N ARG A 196 2.13 26.13 -3.44
CA ARG A 196 1.65 27.27 -4.20
C ARG A 196 1.56 26.98 -5.69
N ALA A 197 1.98 25.80 -6.13
CA ALA A 197 1.89 25.41 -7.52
C ALA A 197 0.50 24.86 -7.83
N PRO A 198 0.13 24.80 -9.11
CA PRO A 198 -1.14 24.18 -9.47
C PRO A 198 -1.13 22.67 -9.29
N ILE A 199 0.03 22.03 -9.32
CA ILE A 199 0.16 20.59 -9.14
C ILE A 199 1.11 20.31 -7.98
N PHE A 200 0.81 19.26 -7.22
CA PHE A 200 1.68 18.83 -6.14
C PHE A 200 2.00 17.35 -6.33
N ALA A 201 3.14 16.93 -5.78
CA ALA A 201 3.59 15.55 -5.84
C ALA A 201 4.14 15.16 -4.48
N ILE A 202 3.62 14.06 -3.93
CA ILE A 202 4.00 13.58 -2.61
C ILE A 202 5.01 12.44 -2.77
N LEU A 203 6.04 12.44 -1.93
CA LEU A 203 7.11 11.46 -1.97
C LEU A 203 7.57 11.13 -0.56
N ASP A 204 7.89 9.86 -0.33
CA ASP A 204 8.41 9.45 0.97
C ASP A 204 9.77 10.09 1.23
N SER A 205 10.19 10.06 2.50
CA SER A 205 11.42 10.69 2.93
C SER A 205 12.63 9.77 2.81
N HIS A 206 12.54 8.72 1.99
CA HIS A 206 13.61 7.74 1.84
C HIS A 206 13.50 7.14 0.44
N ILE A 207 13.72 7.97 -0.57
CA ILE A 207 13.52 7.59 -1.96
C ILE A 207 14.71 8.04 -2.80
N GLU A 208 14.77 7.50 -4.02
CA GLU A 208 15.75 7.91 -5.01
C GLU A 208 15.05 7.83 -6.36
N VAL A 209 15.05 8.92 -7.10
CA VAL A 209 14.27 8.99 -8.34
C VAL A 209 15.11 8.49 -9.50
N SER A 210 14.43 7.97 -10.52
CA SER A 210 15.01 7.72 -11.82
C SER A 210 14.87 8.97 -12.68
N PRO A 211 15.51 9.00 -13.84
CA PRO A 211 15.51 10.24 -14.65
C PRO A 211 14.14 10.56 -15.23
N GLN A 212 13.89 11.86 -15.39
CA GLN A 212 12.63 12.36 -15.94
C GLN A 212 11.42 11.72 -15.26
N TRP A 213 11.41 11.77 -13.92
CA TRP A 213 10.33 11.14 -13.17
C TRP A 213 9.10 12.03 -13.11
N LEU A 214 9.29 13.36 -12.99
CA LEU A 214 8.16 14.26 -12.83
C LEU A 214 7.53 14.64 -14.15
N GLU A 215 8.32 14.73 -15.22
CA GLU A 215 7.78 15.19 -16.51
C GLU A 215 6.60 14.37 -16.97
N PRO A 216 6.63 13.03 -16.97
CA PRO A 216 5.47 12.27 -17.47
C PRO A 216 4.23 12.47 -16.62
N LEU A 217 4.39 12.71 -15.32
CA LEU A 217 3.23 12.93 -14.47
C LEU A 217 2.58 14.28 -14.76
N LEU A 218 3.39 15.32 -14.95
CA LEU A 218 2.83 16.65 -15.21
C LEU A 218 2.07 16.68 -16.53
N LEU A 219 2.56 15.93 -17.53
CA LEU A 219 1.87 15.93 -18.81
C LEU A 219 0.49 15.29 -18.69
N ARG A 220 0.36 14.24 -17.89
CA ARG A 220 -0.94 13.62 -17.69
C ARG A 220 -1.91 14.59 -17.03
N ILE A 221 -1.52 15.16 -15.89
CA ILE A 221 -2.40 16.05 -15.15
C ILE A 221 -2.69 17.30 -15.96
N LYS A 222 -1.78 17.69 -16.85
CA LYS A 222 -2.01 18.88 -17.67
C LYS A 222 -3.23 18.69 -18.56
N GLU A 223 -3.40 17.50 -19.15
CA GLU A 223 -4.49 17.26 -20.07
C GLU A 223 -5.81 16.97 -19.38
N ASP A 224 -5.78 16.61 -18.09
CA ASP A 224 -7.03 16.38 -17.36
C ASP A 224 -6.73 16.49 -15.86
N SER A 225 -7.24 17.54 -15.23
CA SER A 225 -7.00 17.78 -13.81
C SER A 225 -7.64 16.74 -12.92
N ARG A 226 -8.53 15.91 -13.45
CA ARG A 226 -9.14 14.85 -12.67
C ARG A 226 -8.24 13.62 -12.53
N ARG A 227 -7.16 13.55 -13.30
CA ARG A 227 -6.25 12.41 -13.23
C ARG A 227 -5.33 12.54 -12.03
N VAL A 228 -5.31 11.51 -11.20
CA VAL A 228 -4.28 11.35 -10.17
C VAL A 228 -3.32 10.30 -10.69
N VAL A 229 -2.05 10.67 -10.84
CA VAL A 229 -1.05 9.85 -11.48
C VAL A 229 0.01 9.47 -10.47
N MET A 230 0.38 8.19 -10.47
CA MET A 230 1.40 7.72 -9.55
C MET A 230 2.55 7.08 -10.31
N PRO A 231 3.78 7.31 -9.87
CA PRO A 231 4.92 6.61 -10.49
C PRO A 231 4.89 5.12 -10.15
N GLN A 232 5.73 4.38 -10.87
CA GLN A 232 5.98 2.99 -10.56
C GLN A 232 7.12 2.90 -9.55
N ILE A 233 6.89 2.16 -8.47
CA ILE A 233 7.82 2.14 -7.34
C ILE A 233 8.84 1.03 -7.50
N ASP A 234 10.10 1.38 -7.39
CA ASP A 234 11.22 0.45 -7.37
C ASP A 234 11.76 0.33 -5.95
N GLY A 235 12.79 -0.48 -5.78
CA GLY A 235 13.25 -0.88 -4.45
C GLY A 235 14.68 -0.47 -4.17
N ILE A 236 14.92 -0.08 -2.91
CA ILE A 236 16.26 0.04 -2.34
C ILE A 236 16.32 -0.95 -1.18
N ASP A 237 17.12 -1.99 -1.33
CA ASP A 237 17.20 -3.02 -0.30
C ASP A 237 17.52 -2.38 1.05
N ALA A 238 16.74 -2.76 2.06
CA ALA A 238 16.94 -2.19 3.39
C ALA A 238 18.29 -2.58 3.98
N GLU A 239 18.81 -3.75 3.61
CA GLU A 239 20.04 -4.28 4.20
C GLU A 239 21.29 -3.85 3.44
N THR A 240 21.27 -3.98 2.11
CA THR A 240 22.45 -3.69 1.30
C THR A 240 22.38 -2.36 0.59
N PHE A 241 21.18 -1.78 0.45
CA PHE A 241 20.94 -0.53 -0.26
C PHE A 241 21.14 -0.68 -1.77
N LYS A 242 21.14 -1.90 -2.29
CA LYS A 242 21.13 -2.10 -3.73
C LYS A 242 19.81 -1.62 -4.33
N HIS A 243 19.89 -1.14 -5.57
CA HIS A 243 18.70 -0.76 -6.32
C HIS A 243 18.09 -2.01 -6.97
N ILE A 244 16.82 -2.27 -6.70
CA ILE A 244 16.13 -3.43 -7.24
C ILE A 244 15.05 -2.94 -8.20
N ALA A 245 15.19 -3.28 -9.47
CA ALA A 245 14.15 -2.98 -10.45
C ALA A 245 12.95 -3.86 -10.19
N GLY A 246 11.79 -3.24 -9.96
CA GLY A 246 10.59 -3.97 -9.63
C GLY A 246 10.24 -3.87 -8.16
N GLY A 247 9.34 -2.96 -7.83
CA GLY A 247 8.81 -2.85 -6.49
C GLY A 247 7.32 -3.08 -6.45
N ILE A 248 6.54 -2.04 -6.73
CA ILE A 248 5.09 -2.13 -6.87
C ILE A 248 4.75 -1.75 -8.30
N GLY A 249 4.11 -2.67 -9.03
CA GLY A 249 3.78 -2.45 -10.43
C GLY A 249 2.75 -1.37 -10.66
N CYS A 250 2.05 -1.43 -11.79
CA CYS A 250 1.09 -0.39 -12.14
C CYS A 250 -0.33 -0.76 -11.68
N LYS A 251 -0.76 -1.99 -11.93
CA LYS A 251 -2.12 -2.41 -11.59
C LYS A 251 -2.10 -3.09 -10.23
N LEU A 252 -2.86 -2.55 -9.28
CA LEU A 252 -2.96 -3.15 -7.97
C LEU A 252 -4.36 -2.95 -7.41
N GLY A 253 -4.87 -3.99 -6.75
CA GLY A 253 -6.16 -3.93 -6.10
C GLY A 253 -6.01 -3.86 -4.59
N PHE A 254 -6.80 -4.66 -3.87
CA PHE A 254 -6.81 -4.61 -2.41
C PHE A 254 -7.20 -5.96 -1.85
N LEU A 255 -6.83 -6.18 -0.60
CA LEU A 255 -7.24 -7.35 0.16
C LEU A 255 -8.34 -6.98 1.13
N TRP A 256 -9.16 -7.97 1.48
CA TRP A 256 -10.26 -7.71 2.41
C TRP A 256 -9.78 -7.42 3.83
N LYS A 257 -8.47 -7.55 4.09
CA LYS A 257 -7.87 -6.97 5.27
C LYS A 257 -7.65 -5.46 5.12
N LEU A 258 -8.15 -4.86 4.05
CA LEU A 258 -7.96 -3.45 3.73
C LEU A 258 -6.47 -3.15 3.58
N MET A 259 -5.91 -3.57 2.45
CA MET A 259 -4.48 -3.45 2.18
C MET A 259 -4.31 -3.51 0.67
N GLU A 260 -3.51 -2.60 0.13
CA GLU A 260 -3.20 -2.66 -1.31
C GLU A 260 -2.51 -3.97 -1.64
N HIS A 261 -2.81 -4.51 -2.82
CA HIS A 261 -2.28 -5.80 -3.25
C HIS A 261 -2.13 -5.77 -4.76
N SER A 262 -0.91 -6.01 -5.23
CA SER A 262 -0.66 -6.02 -6.67
C SER A 262 -1.46 -7.13 -7.35
N TYR A 263 -1.90 -6.85 -8.57
CA TYR A 263 -2.61 -7.85 -9.36
C TYR A 263 -1.81 -9.14 -9.42
N GLU A 264 -2.48 -10.25 -9.27
CA GLU A 264 -1.88 -11.57 -9.42
C GLU A 264 -2.13 -12.10 -10.82
N GLY A 265 -1.46 -13.20 -11.15
CA GLY A 265 -1.54 -13.73 -12.50
C GLY A 265 -2.96 -14.02 -12.94
N HIS A 266 -3.69 -14.78 -12.13
CA HIS A 266 -5.07 -15.12 -12.48
C HIS A 266 -5.93 -13.86 -12.60
N GLN A 267 -5.52 -12.76 -11.98
CA GLN A 267 -6.27 -11.51 -12.06
C GLN A 267 -5.94 -10.74 -13.32
N THR A 268 -4.64 -10.62 -13.65
CA THR A 268 -4.27 -10.00 -14.92
C THR A 268 -4.82 -10.80 -16.11
N ALA A 269 -5.05 -12.10 -15.93
CA ALA A 269 -5.65 -12.90 -16.99
C ALA A 269 -7.09 -12.51 -17.25
N ARG A 270 -7.79 -12.04 -16.23
CA ARG A 270 -9.18 -11.61 -16.38
C ARG A 270 -9.30 -10.26 -17.07
N LEU A 271 -8.21 -9.52 -17.23
CA LEU A 271 -8.24 -8.26 -17.94
C LEU A 271 -8.67 -8.48 -19.39
N PRO A 272 -9.20 -7.45 -20.04
CA PRO A 272 -9.44 -7.52 -21.49
C PRO A 272 -8.18 -7.91 -22.23
N PRO A 273 -8.29 -8.71 -23.30
CA PRO A 273 -7.09 -9.18 -24.00
C PRO A 273 -6.16 -8.06 -24.43
N GLU A 274 -6.68 -6.86 -24.68
CA GLU A 274 -5.86 -5.75 -25.13
C GLU A 274 -5.15 -5.03 -23.99
N GLU A 275 -5.32 -5.49 -22.75
CA GLU A 275 -4.72 -4.82 -21.60
C GLU A 275 -3.86 -5.76 -20.75
N ARG A 276 -3.60 -6.98 -21.20
CA ARG A 276 -2.85 -7.93 -20.39
C ARG A 276 -1.34 -7.71 -20.49
N GLN A 277 -0.85 -7.38 -21.69
N GLN A 277 -0.85 -7.37 -21.68
CA GLN A 277 0.55 -7.03 -21.91
CA GLN A 277 0.55 -7.03 -21.91
C GLN A 277 0.60 -5.62 -22.49
C GLN A 277 0.61 -5.62 -22.49
N PRO A 278 0.30 -4.60 -21.68
CA PRO A 278 0.23 -3.24 -22.19
C PRO A 278 1.59 -2.72 -22.62
N SER A 279 1.55 -1.67 -23.46
CA SER A 279 2.78 -1.07 -23.94
C SER A 279 3.60 -0.54 -22.76
N PRO A 280 4.94 -0.51 -22.90
CA PRO A 280 5.77 -0.04 -21.78
C PRO A 280 5.52 1.42 -21.42
N THR A 281 4.95 2.21 -22.32
CA THR A 281 4.77 3.64 -22.10
C THR A 281 3.34 4.06 -21.87
N ASP A 282 2.36 3.22 -22.22
CA ASP A 282 0.97 3.59 -22.03
C ASP A 282 0.64 3.71 -20.55
N PHE A 283 -0.19 4.69 -20.22
CA PHE A 283 -0.67 4.86 -18.86
C PHE A 283 -1.80 3.88 -18.58
N GLN A 284 -1.77 3.27 -17.41
CA GLN A 284 -2.71 2.21 -17.04
C GLN A 284 -3.48 2.63 -15.80
N THR A 285 -4.79 2.48 -15.84
CA THR A 285 -5.60 2.76 -14.66
C THR A 285 -5.33 1.71 -13.60
N SER A 286 -5.54 2.10 -12.34
CA SER A 286 -5.34 1.21 -11.22
C SER A 286 -6.46 1.41 -10.22
N PRO A 287 -7.09 0.33 -9.73
CA PRO A 287 -8.14 0.51 -8.70
C PRO A 287 -7.64 1.15 -7.42
N ALA A 288 -6.40 0.88 -7.03
CA ALA A 288 -5.85 1.40 -5.78
C ALA A 288 -4.41 1.85 -6.01
N MET A 289 -3.89 2.60 -5.04
CA MET A 289 -2.50 3.05 -5.06
C MET A 289 -1.77 2.49 -3.86
N ALA A 290 -0.43 2.45 -3.97
CA ALA A 290 0.40 1.98 -2.87
C ALA A 290 0.42 2.96 -1.72
N GLY A 291 0.36 4.26 -2.01
CA GLY A 291 0.23 5.27 -0.97
C GLY A 291 1.44 6.17 -0.93
N GLY A 292 1.17 7.48 -0.95
CA GLY A 292 2.20 8.46 -0.68
C GLY A 292 3.25 8.64 -1.74
N LEU A 293 3.05 8.10 -2.93
CA LEU A 293 3.86 8.44 -4.11
C LEU A 293 2.87 8.67 -5.24
N PHE A 294 2.32 9.89 -5.29
CA PHE A 294 1.38 10.24 -6.34
C PHE A 294 1.44 11.74 -6.59
N ALA A 295 0.91 12.14 -7.74
CA ALA A 295 0.79 13.54 -8.11
C ALA A 295 -0.67 13.84 -8.46
N ALA A 296 -1.07 15.08 -8.23
CA ALA A 296 -2.46 15.47 -8.47
C ALA A 296 -2.57 16.98 -8.62
N ASN A 297 -3.61 17.41 -9.33
CA ASN A 297 -3.97 18.82 -9.40
C ASN A 297 -4.48 19.27 -8.03
N LYS A 298 -3.91 20.36 -7.51
CA LYS A 298 -4.26 20.82 -6.16
C LYS A 298 -5.75 21.08 -6.04
N ALA A 299 -6.33 21.80 -7.00
CA ALA A 299 -7.74 22.17 -6.88
C ALA A 299 -8.64 20.94 -6.91
N PHE A 300 -8.36 19.99 -7.81
CA PHE A 300 -9.20 18.80 -7.88
C PHE A 300 -9.08 17.99 -6.59
N PHE A 301 -7.88 17.93 -6.02
CA PHE A 301 -7.67 17.16 -4.79
C PHE A 301 -8.59 17.63 -3.67
N PHE A 302 -8.78 18.94 -3.55
CA PHE A 302 -9.68 19.43 -2.52
C PHE A 302 -11.15 19.25 -2.89
N ASP A 303 -11.47 19.31 -4.19
CA ASP A 303 -12.85 19.14 -4.61
C ASP A 303 -13.32 17.69 -4.55
N VAL A 304 -12.39 16.73 -4.56
CA VAL A 304 -12.75 15.31 -4.54
C VAL A 304 -12.59 14.71 -3.14
N GLY A 305 -12.34 15.54 -2.13
CA GLY A 305 -12.30 15.10 -0.75
C GLY A 305 -10.95 15.20 -0.08
N ALA A 306 -9.88 15.51 -0.81
CA ALA A 306 -8.55 15.59 -0.21
C ALA A 306 -8.26 14.32 0.59
N TYR A 307 -7.97 14.48 1.88
CA TYR A 307 -7.86 13.36 2.81
C TYR A 307 -8.93 13.51 3.89
N ASP A 308 -9.34 12.39 4.48
CA ASP A 308 -10.19 12.39 5.67
C ASP A 308 -9.28 12.67 6.87
N GLU A 309 -9.31 13.90 7.36
CA GLU A 309 -8.33 14.33 8.36
C GLU A 309 -8.57 13.73 9.74
N ASP A 310 -9.62 12.92 9.93
CA ASP A 310 -9.74 12.16 11.16
C ASP A 310 -8.95 10.86 11.12
N PHE A 311 -8.35 10.51 10.00
CA PHE A 311 -7.36 9.44 9.97
C PHE A 311 -6.21 9.79 10.91
N GLN A 312 -5.60 8.76 11.49
CA GLN A 312 -4.60 8.93 12.53
C GLN A 312 -3.33 8.18 12.17
N PHE A 313 -2.20 8.85 12.31
CA PHE A 313 -0.87 8.21 12.20
C PHE A 313 -0.79 7.43 10.89
N TRP A 314 -0.01 6.35 10.90
CA TRP A 314 0.07 5.47 9.74
C TRP A 314 -1.23 4.69 9.59
N GLY A 315 -1.59 4.40 8.34
CA GLY A 315 -2.82 3.68 8.11
C GLY A 315 -3.15 3.42 6.66
N THR A 316 -4.44 3.34 6.37
CA THR A 316 -4.94 2.90 5.08
C THR A 316 -5.56 4.05 4.29
N GLU A 317 -5.01 5.25 4.44
CA GLU A 317 -5.55 6.41 3.74
C GLU A 317 -5.46 6.23 2.22
N ASN A 318 -4.52 5.41 1.76
CA ASN A 318 -4.38 5.19 0.32
C ASN A 318 -5.63 4.54 -0.25
N LEU A 319 -6.28 3.65 0.51
CA LEU A 319 -7.48 2.98 0.02
C LEU A 319 -8.72 3.85 0.18
N GLU A 320 -8.78 4.63 1.25
CA GLU A 320 -9.88 5.59 1.38
C GLU A 320 -9.84 6.62 0.26
N LEU A 321 -8.64 7.07 -0.12
CA LEU A 321 -8.51 8.01 -1.23
C LEU A 321 -8.87 7.34 -2.55
N SER A 322 -8.37 6.12 -2.78
CA SER A 322 -8.56 5.46 -4.07
C SER A 322 -10.04 5.20 -4.34
N PHE A 323 -10.74 4.59 -3.38
CA PHE A 323 -12.17 4.34 -3.54
C PHE A 323 -12.92 5.65 -3.79
N ARG A 324 -12.75 6.62 -2.90
CA ARG A 324 -13.41 7.91 -3.06
C ARG A 324 -13.02 8.58 -4.37
N LEU A 325 -11.77 8.41 -4.80
CA LEU A 325 -11.32 9.03 -6.04
C LEU A 325 -12.15 8.55 -7.22
N TRP A 326 -12.25 7.24 -7.38
CA TRP A 326 -13.00 6.68 -8.51
C TRP A 326 -14.49 6.99 -8.37
N GLN A 327 -15.04 6.83 -7.16
CA GLN A 327 -16.48 6.95 -6.98
C GLN A 327 -16.97 8.37 -7.19
N CYS A 328 -16.11 9.37 -7.00
CA CYS A 328 -16.55 10.77 -7.02
C CYS A 328 -15.98 11.53 -8.22
N GLY A 329 -15.76 10.84 -9.34
CA GLY A 329 -15.43 11.51 -10.57
C GLY A 329 -13.95 11.76 -10.77
N GLY A 330 -13.12 10.80 -10.38
CA GLY A 330 -11.70 10.88 -10.59
C GLY A 330 -11.19 9.61 -11.26
N VAL A 331 -9.94 9.68 -11.70
CA VAL A 331 -9.27 8.56 -12.34
C VAL A 331 -7.89 8.41 -11.74
N LEU A 332 -7.59 7.21 -11.25
CA LEU A 332 -6.27 6.86 -10.74
C LEU A 332 -5.56 6.02 -11.80
N GLU A 333 -4.38 6.47 -12.21
CA GLU A 333 -3.57 5.71 -13.17
C GLU A 333 -2.11 5.72 -12.74
N CYS A 334 -1.34 4.88 -13.40
CA CYS A 334 0.07 4.67 -13.11
C CYS A 334 0.90 5.01 -14.34
N ALA A 335 1.92 5.85 -14.15
CA ALA A 335 2.81 6.24 -15.23
C ALA A 335 4.01 5.29 -15.27
N PRO A 336 4.04 4.31 -16.19
CA PRO A 336 5.16 3.37 -16.19
C PRO A 336 6.52 4.01 -16.46
N CYS A 337 6.55 5.22 -17.04
N CYS A 337 6.55 5.22 -17.04
CA CYS A 337 7.80 5.91 -17.32
CA CYS A 337 7.80 5.91 -17.32
C CYS A 337 8.25 6.81 -16.18
C CYS A 337 8.26 6.80 -16.18
N SER A 338 7.53 6.84 -15.07
CA SER A 338 7.89 7.62 -13.88
C SER A 338 8.29 6.61 -12.80
N ARG A 339 9.59 6.42 -12.61
CA ARG A 339 10.12 5.44 -11.67
C ARG A 339 10.79 6.14 -10.50
N VAL A 340 10.53 5.64 -9.29
CA VAL A 340 11.15 6.16 -8.08
C VAL A 340 11.52 4.99 -7.18
N TYR A 341 12.74 5.00 -6.66
CA TYR A 341 13.21 3.95 -5.77
C TYR A 341 12.79 4.27 -4.34
N HIS A 342 12.38 3.23 -3.60
CA HIS A 342 11.83 3.37 -2.26
C HIS A 342 12.38 2.29 -1.34
N ILE A 343 12.74 2.68 -0.12
CA ILE A 343 13.23 1.75 0.88
C ILE A 343 12.03 1.09 1.55
N PHE A 344 11.76 -0.16 1.21
CA PHE A 344 10.74 -0.94 1.91
C PHE A 344 11.34 -1.46 3.21
N ARG A 345 10.73 -1.09 4.34
CA ARG A 345 11.30 -1.40 5.63
C ARG A 345 11.25 -2.91 5.89
N LYS A 346 12.37 -3.45 6.37
CA LYS A 346 12.52 -4.88 6.61
C LYS A 346 13.08 -5.10 8.01
N GLY A 347 12.41 -5.94 8.79
CA GLY A 347 12.89 -6.27 10.12
C GLY A 347 12.94 -5.11 11.08
N GLY A 348 11.95 -4.23 11.02
CA GLY A 348 11.91 -3.07 11.90
C GLY A 348 11.00 -2.00 11.35
N SER A 349 10.70 -1.04 12.22
CA SER A 349 9.81 0.06 11.89
C SER A 349 10.45 1.37 12.33
N GLY A 350 10.33 2.39 11.47
CA GLY A 350 10.94 3.68 11.73
C GLY A 350 10.25 4.54 12.76
N TYR A 351 9.11 4.10 13.28
CA TYR A 351 8.36 4.84 14.28
C TYR A 351 7.31 3.91 14.86
N SER A 352 6.72 4.32 15.98
CA SER A 352 5.71 3.54 16.67
C SER A 352 4.40 4.33 16.66
N SER A 353 3.36 3.73 16.08
CA SER A 353 2.04 4.34 16.04
C SER A 353 1.11 3.62 17.03
N PRO A 354 0.14 4.33 17.62
CA PRO A 354 -0.82 3.65 18.50
C PRO A 354 -1.45 2.46 17.79
N GLY A 355 -1.84 1.45 18.58
CA GLY A 355 -2.40 0.25 18.00
C GLY A 355 -3.82 0.42 17.51
N ASP A 356 -4.57 1.36 18.09
N ASP A 356 -4.57 1.34 18.09
CA ASP A 356 -5.95 1.58 17.70
CA ASP A 356 -5.95 1.57 17.69
C ASP A 356 -6.08 2.48 16.48
C ASP A 356 -6.08 2.46 16.46
N SER A 357 -4.98 3.07 16.00
CA SER A 357 -5.08 3.98 14.85
C SER A 357 -5.38 3.21 13.57
N ILE A 358 -4.62 2.16 13.29
CA ILE A 358 -4.82 1.40 12.06
C ILE A 358 -6.25 0.85 12.03
N THR A 359 -6.77 0.43 13.19
CA THR A 359 -8.12 -0.08 13.24
C THR A 359 -9.13 1.02 12.92
N ILE A 360 -8.93 2.21 13.47
CA ILE A 360 -9.86 3.32 13.22
C ILE A 360 -9.87 3.68 11.73
N ASN A 361 -8.69 3.82 11.14
CA ASN A 361 -8.62 4.17 9.73
C ASN A 361 -9.33 3.16 8.85
N LYS A 362 -9.30 1.88 9.23
CA LYS A 362 -9.99 0.87 8.44
C LYS A 362 -11.50 0.98 8.59
N MET A 363 -11.97 1.29 9.81
CA MET A 363 -13.40 1.49 10.01
C MET A 363 -13.92 2.65 9.17
N ARG A 364 -13.19 3.77 9.17
CA ARG A 364 -13.61 4.92 8.37
C ARG A 364 -13.57 4.60 6.88
N THR A 365 -12.60 3.79 6.46
CA THR A 365 -12.52 3.39 5.07
C THR A 365 -13.74 2.57 4.66
N MET A 366 -14.34 1.84 5.60
CA MET A 366 -15.47 1.00 5.28
C MET A 366 -16.71 1.79 4.92
N LEU A 367 -16.72 3.10 5.18
CA LEU A 367 -17.85 3.92 4.74
C LEU A 367 -18.03 3.89 3.24
N TRP A 368 -16.93 3.77 2.49
CA TRP A 368 -16.95 3.81 1.04
C TRP A 368 -17.16 2.44 0.41
N MET A 369 -17.27 1.40 1.22
CA MET A 369 -17.43 0.04 0.73
C MET A 369 -18.87 -0.44 0.76
N ASP A 370 -19.80 0.39 1.24
CA ASP A 370 -21.24 0.09 1.21
C ASP A 370 -21.46 -1.30 1.81
N GLU A 371 -22.21 -2.18 1.15
CA GLU A 371 -22.53 -3.48 1.75
C GLU A 371 -21.29 -4.35 1.88
N TYR A 372 -20.29 -4.16 1.03
CA TYR A 372 -19.08 -4.96 1.12
C TYR A 372 -18.33 -4.75 2.43
N ALA A 373 -18.68 -3.72 3.20
CA ALA A 373 -18.03 -3.51 4.48
C ALA A 373 -18.29 -4.66 5.46
N ASP A 374 -19.36 -5.41 5.26
CA ASP A 374 -19.61 -6.55 6.13
C ASP A 374 -18.46 -7.56 6.06
N LEU A 375 -18.01 -7.88 4.85
CA LEU A 375 -16.91 -8.83 4.71
C LEU A 375 -15.63 -8.27 5.30
N ALA A 376 -15.31 -7.01 5.01
CA ALA A 376 -14.09 -6.41 5.54
C ALA A 376 -14.13 -6.35 7.07
N TRP A 377 -15.29 -6.02 7.64
CA TRP A 377 -15.38 -5.94 9.09
C TRP A 377 -15.09 -7.29 9.74
N ARG A 378 -15.59 -8.38 9.16
CA ARG A 378 -15.34 -9.70 9.71
C ARG A 378 -13.88 -10.11 9.54
N VAL A 379 -13.25 -9.72 8.43
CA VAL A 379 -11.88 -10.15 8.18
C VAL A 379 -10.92 -9.50 9.17
N ILE A 380 -11.14 -8.21 9.49
CA ILE A 380 -10.27 -7.53 10.44
C ILE A 380 -10.65 -7.80 11.88
N GLY A 381 -11.64 -8.66 12.12
CA GLY A 381 -11.92 -9.15 13.45
C GLY A 381 -13.12 -8.56 14.14
N LYS A 382 -14.12 -8.10 13.40
CA LYS A 382 -15.33 -7.49 13.96
C LYS A 382 -14.96 -6.47 15.05
N PRO A 383 -14.01 -5.57 14.78
CA PRO A 383 -13.57 -4.64 15.82
C PRO A 383 -14.67 -3.66 16.21
N ARG A 384 -14.49 -3.08 17.40
CA ARG A 384 -15.39 -2.07 17.95
C ARG A 384 -14.54 -1.01 18.62
N VAL A 385 -14.14 0.00 17.85
CA VAL A 385 -13.27 1.06 18.35
C VAL A 385 -14.00 2.39 18.24
N ASN A 386 -13.31 3.47 18.57
CA ASN A 386 -13.86 4.81 18.40
C ASN A 386 -13.42 5.33 17.04
N TYR A 387 -14.19 5.00 16.00
CA TYR A 387 -13.91 5.47 14.66
C TYR A 387 -14.41 6.90 14.41
N ARG A 388 -14.60 7.69 15.47
CA ARG A 388 -15.12 9.05 15.38
C ARG A 388 -16.40 9.03 14.54
N PRO A 389 -17.49 8.50 15.09
CA PRO A 389 -18.71 8.37 14.27
C PRO A 389 -19.26 9.70 13.81
N GLU A 390 -19.10 10.76 14.62
CA GLU A 390 -19.65 12.06 14.25
C GLU A 390 -18.99 12.60 13.01
N SER A 391 -17.66 12.51 12.94
CA SER A 391 -16.93 12.99 11.76
C SER A 391 -17.30 12.16 10.53
N LEU A 392 -17.42 10.84 10.68
CA LEU A 392 -17.71 9.98 9.54
C LEU A 392 -19.09 10.28 8.97
N GLU A 393 -20.04 10.68 9.81
CA GLU A 393 -21.36 11.05 9.31
C GLU A 393 -21.27 12.26 8.39
N LYS A 394 -20.42 13.24 8.75
CA LYS A 394 -20.27 14.42 7.90
C LYS A 394 -19.69 14.06 6.54
N ARG A 395 -18.92 12.97 6.46
CA ARG A 395 -18.39 12.52 5.17
C ARG A 395 -19.38 11.65 4.42
N ARG A 396 -20.30 10.97 5.12
CA ARG A 396 -21.40 10.31 4.41
C ARG A 396 -22.27 11.35 3.71
N GLU A 397 -22.46 12.50 4.34
CA GLU A 397 -23.20 13.59 3.70
C GLU A 397 -22.45 14.09 2.48
N TRP A 398 -21.18 14.46 2.66
CA TRP A 398 -20.35 14.88 1.54
C TRP A 398 -20.44 13.88 0.39
N ARG A 399 -20.35 12.59 0.71
CA ARG A 399 -20.42 11.57 -0.33
C ARG A 399 -21.74 11.62 -1.08
N LYS A 400 -22.83 11.94 -0.39
CA LYS A 400 -24.15 12.00 -1.04
C LYS A 400 -24.30 13.28 -1.85
N ARG A 401 -23.95 14.42 -1.26
CA ARG A 401 -24.05 15.69 -1.96
C ARG A 401 -23.18 15.72 -3.20
N LYS A 402 -22.08 14.95 -3.20
CA LYS A 402 -21.18 14.90 -4.34
C LYS A 402 -21.69 14.01 -5.46
N GLY A 403 -22.66 13.13 -5.17
CA GLY A 403 -23.13 12.19 -6.17
C GLY A 403 -22.21 11.03 -6.42
N CYS A 404 -21.35 10.70 -5.45
CA CYS A 404 -20.40 9.62 -5.64
C CYS A 404 -21.12 8.31 -5.95
N LYS A 405 -20.43 7.45 -6.68
CA LYS A 405 -20.99 6.16 -7.07
C LYS A 405 -20.74 5.12 -5.97
N SER A 406 -21.31 3.93 -6.17
CA SER A 406 -21.29 2.89 -5.16
C SER A 406 -20.05 2.01 -5.29
N PHE A 407 -19.79 1.22 -4.23
CA PHE A 407 -18.68 0.27 -4.28
C PHE A 407 -19.01 -0.90 -5.19
N ARG A 408 -20.28 -1.29 -5.28
CA ARG A 408 -20.70 -2.25 -6.30
C ARG A 408 -20.28 -1.77 -7.69
N TRP A 409 -20.58 -0.50 -8.00
CA TRP A 409 -20.09 0.08 -9.24
C TRP A 409 -18.57 0.00 -9.32
N PHE A 410 -17.89 0.29 -8.21
CA PHE A 410 -16.43 0.23 -8.19
C PHE A 410 -15.93 -1.16 -8.56
N MET A 411 -16.53 -2.19 -7.97
CA MET A 411 -16.07 -3.55 -8.24
C MET A 411 -16.43 -3.97 -9.66
N GLU A 412 -17.59 -3.56 -10.16
CA GLU A 412 -18.02 -3.99 -11.48
C GLU A 412 -17.42 -3.16 -12.61
N ASN A 413 -16.70 -2.09 -12.30
CA ASN A 413 -16.18 -1.21 -13.36
C ASN A 413 -14.73 -0.87 -13.18
N VAL A 414 -14.26 -0.74 -11.95
CA VAL A 414 -12.88 -0.36 -11.65
C VAL A 414 -12.03 -1.59 -11.34
N PHE A 415 -12.52 -2.49 -10.49
CA PHE A 415 -11.78 -3.69 -10.12
C PHE A 415 -12.59 -4.95 -10.44
N PRO A 416 -13.11 -5.08 -11.67
CA PRO A 416 -13.89 -6.28 -12.00
C PRO A 416 -13.07 -7.56 -12.02
N GLU A 417 -11.74 -7.46 -11.98
CA GLU A 417 -10.88 -8.64 -11.96
C GLU A 417 -10.67 -9.20 -10.57
N GLY A 418 -11.36 -8.67 -9.57
CA GLY A 418 -11.21 -9.17 -8.22
C GLY A 418 -11.86 -10.54 -8.04
N ASP A 419 -11.39 -11.26 -7.01
CA ASP A 419 -11.96 -12.55 -6.69
C ASP A 419 -13.34 -12.42 -6.06
N VAL A 420 -13.71 -11.25 -5.59
CA VAL A 420 -15.01 -11.02 -4.97
C VAL A 420 -15.59 -9.74 -5.57
N VAL A 421 -16.30 -9.88 -6.70
CA VAL A 421 -16.93 -8.71 -7.32
C VAL A 421 -18.26 -8.40 -6.65
N THR A 422 -19.04 -9.44 -6.34
CA THR A 422 -20.25 -9.32 -5.55
C THR A 422 -20.14 -10.27 -4.37
N LEU A 423 -20.86 -9.94 -3.29
CA LEU A 423 -20.81 -10.79 -2.10
C LEU A 423 -21.36 -12.18 -2.35
N ASP A 424 -22.03 -12.40 -3.48
CA ASP A 424 -22.41 -13.73 -3.92
C ASP A 424 -21.20 -14.57 -4.33
N ASP A 425 -20.03 -13.95 -4.49
CA ASP A 425 -18.79 -14.69 -4.68
C ASP A 425 -18.24 -15.25 -3.37
N VAL A 426 -18.86 -14.92 -2.24
CA VAL A 426 -18.48 -15.48 -0.94
C VAL A 426 -19.67 -16.30 -0.44
N PRO A 427 -19.93 -17.47 -1.03
CA PRO A 427 -21.17 -18.18 -0.68
C PRO A 427 -21.20 -18.71 0.74
N TYR A 428 -20.05 -19.05 1.32
CA TYR A 428 -20.00 -19.63 2.66
C TYR A 428 -19.07 -18.81 3.54
N LEU A 429 -19.50 -18.55 4.77
CA LEU A 429 -18.66 -17.88 5.76
C LEU A 429 -19.13 -18.34 7.14
N GLY A 430 -18.27 -19.07 7.84
CA GLY A 430 -18.62 -19.61 9.13
C GLY A 430 -17.80 -20.83 9.46
N PRO A 431 -18.24 -21.61 10.45
CA PRO A 431 -17.47 -22.80 10.85
C PRO A 431 -17.64 -23.94 9.86
N LEU A 432 -16.58 -24.73 9.73
CA LEU A 432 -16.60 -25.96 8.94
C LEU A 432 -16.65 -27.12 9.93
N ARG A 433 -17.86 -27.59 10.19
CA ARG A 433 -18.10 -28.59 11.23
C ARG A 433 -18.31 -29.96 10.60
N ASN A 434 -17.80 -30.98 11.28
CA ASN A 434 -18.06 -32.38 10.96
C ASN A 434 -18.89 -32.94 12.12
N ASP A 435 -20.15 -33.27 11.83
CA ASP A 435 -21.06 -33.69 12.90
C ASP A 435 -20.74 -35.07 13.44
N LYS A 436 -20.03 -35.91 12.68
CA LYS A 436 -19.68 -37.24 13.15
C LYS A 436 -18.81 -37.18 14.39
N ILE A 437 -17.70 -36.42 14.32
CA ILE A 437 -16.83 -36.24 15.47
C ILE A 437 -17.20 -35.02 16.30
N GLY A 438 -18.19 -34.24 15.87
CA GLY A 438 -18.61 -33.06 16.59
C GLY A 438 -17.47 -32.09 16.85
N MET A 439 -16.75 -31.71 15.79
CA MET A 439 -15.63 -30.78 15.92
C MET A 439 -15.56 -29.89 14.69
N CYS A 440 -14.93 -28.74 14.88
CA CYS A 440 -14.79 -27.71 13.86
C CYS A 440 -13.34 -27.56 13.45
N LEU A 441 -13.11 -27.15 12.21
CA LEU A 441 -11.77 -26.76 11.81
C LEU A 441 -11.32 -25.56 12.63
N ASP A 442 -10.02 -25.52 12.92
CA ASP A 442 -9.45 -24.50 13.79
C ASP A 442 -8.10 -24.07 13.23
N ASN A 443 -7.93 -22.76 13.03
CA ASN A 443 -6.64 -22.25 12.57
C ASN A 443 -5.56 -22.34 13.64
N MET A 444 -5.91 -22.76 14.86
CA MET A 444 -4.98 -23.10 15.93
C MET A 444 -4.27 -21.89 16.52
N GLY A 445 -4.69 -20.67 16.18
CA GLY A 445 -4.10 -19.47 16.73
C GLY A 445 -3.24 -18.69 15.76
N TRP A 446 -3.30 -18.97 14.46
CA TRP A 446 -2.48 -18.28 13.49
C TRP A 446 -3.15 -18.41 12.12
N ALA A 447 -3.85 -17.37 11.70
CA ALA A 447 -4.36 -17.34 10.33
C ALA A 447 -3.24 -17.09 9.32
N SER A 448 -2.01 -16.91 9.78
CA SER A 448 -0.88 -16.73 8.87
C SER A 448 -0.59 -18.05 8.14
N PRO A 449 -0.13 -17.98 6.90
CA PRO A 449 0.19 -19.21 6.17
C PRO A 449 1.36 -19.96 6.80
N GLY A 450 1.36 -21.27 6.64
CA GLY A 450 2.50 -22.10 6.98
C GLY A 450 2.32 -22.97 8.20
N HIS A 451 1.10 -23.33 8.56
CA HIS A 451 0.86 -24.12 9.73
C HIS A 451 -0.33 -25.03 9.49
N ALA A 452 -0.37 -26.14 10.21
CA ALA A 452 -1.42 -27.12 10.03
C ALA A 452 -2.74 -26.64 10.63
N VAL A 453 -3.83 -27.09 10.04
CA VAL A 453 -5.18 -26.87 10.57
C VAL A 453 -5.53 -28.05 11.46
N GLY A 454 -6.27 -27.78 12.52
CA GLY A 454 -6.64 -28.78 13.49
C GLY A 454 -8.14 -28.98 13.58
N LEU A 455 -8.53 -29.93 14.44
CA LEU A 455 -9.91 -30.23 14.75
C LEU A 455 -10.11 -30.03 16.24
N GLU A 456 -11.05 -29.16 16.60
CA GLU A 456 -11.32 -28.84 17.99
C GLU A 456 -12.83 -28.71 18.18
N TYR A 457 -13.27 -28.93 19.42
CA TYR A 457 -14.67 -28.70 19.75
C TYR A 457 -15.06 -27.27 19.37
N CYS A 458 -16.27 -27.12 18.83
CA CYS A 458 -16.70 -25.83 18.30
C CYS A 458 -17.00 -24.86 19.44
N HIS A 459 -16.50 -23.62 19.32
CA HIS A 459 -16.74 -22.60 20.33
C HIS A 459 -17.26 -21.28 19.76
N GLY A 460 -17.34 -21.13 18.45
CA GLY A 460 -17.97 -19.96 17.87
C GLY A 460 -17.09 -18.73 17.81
N GLY A 461 -15.77 -18.89 17.82
CA GLY A 461 -14.86 -17.78 17.69
C GLY A 461 -14.27 -17.70 16.29
N ASP A 462 -13.68 -16.54 15.98
CA ASP A 462 -13.13 -16.33 14.65
C ASP A 462 -12.05 -17.34 14.29
N THR A 463 -11.39 -17.96 15.28
CA THR A 463 -10.37 -18.94 14.98
C THR A 463 -10.92 -20.17 14.28
N GLN A 464 -12.25 -20.35 14.28
CA GLN A 464 -12.89 -21.51 13.68
C GLN A 464 -13.84 -21.14 12.55
N THR A 465 -13.79 -19.90 12.06
CA THR A 465 -14.64 -19.44 10.98
C THR A 465 -13.82 -19.32 9.71
N PHE A 466 -14.27 -19.98 8.65
CA PHE A 466 -13.61 -19.96 7.36
C PHE A 466 -14.58 -19.44 6.31
N MET A 467 -14.03 -18.97 5.19
CA MET A 467 -14.81 -18.39 4.10
C MET A 467 -14.43 -19.07 2.80
N PHE A 468 -15.34 -19.01 1.84
CA PHE A 468 -15.16 -19.60 0.52
C PHE A 468 -15.27 -18.52 -0.54
N PHE A 469 -14.27 -18.44 -1.41
CA PHE A 469 -14.29 -17.56 -2.58
C PHE A 469 -14.47 -18.45 -3.81
N ARG A 470 -15.65 -18.38 -4.43
CA ARG A 470 -16.01 -19.35 -5.47
C ARG A 470 -15.25 -19.13 -6.77
N LYS A 471 -14.95 -17.87 -7.10
CA LYS A 471 -14.25 -17.59 -8.35
C LYS A 471 -12.88 -18.28 -8.41
N VAL A 472 -12.37 -18.74 -7.28
CA VAL A 472 -11.01 -19.27 -7.22
C VAL A 472 -10.93 -20.54 -6.39
N GLY A 473 -12.07 -20.97 -5.84
CA GLY A 473 -12.12 -22.21 -5.09
C GLY A 473 -11.30 -22.22 -3.83
N HIS A 474 -11.13 -21.06 -3.20
CA HIS A 474 -10.22 -20.90 -2.08
C HIS A 474 -10.96 -21.05 -0.75
N VAL A 475 -10.38 -21.84 0.15
CA VAL A 475 -10.88 -22.00 1.52
C VAL A 475 -9.88 -21.32 2.43
N MET A 476 -10.29 -20.22 3.06
CA MET A 476 -9.41 -19.38 3.85
C MET A 476 -9.97 -19.21 5.25
N PRO A 477 -9.12 -18.90 6.22
CA PRO A 477 -9.63 -18.37 7.49
C PRO A 477 -10.13 -16.96 7.29
N VAL A 478 -11.18 -16.60 8.03
CA VAL A 478 -11.80 -15.30 7.83
C VAL A 478 -10.79 -14.17 8.09
N ASN A 479 -9.84 -14.38 9.00
CA ASN A 479 -8.93 -13.32 9.39
C ASN A 479 -7.74 -13.16 8.46
N ASP A 480 -7.67 -13.93 7.38
CA ASP A 480 -6.58 -13.76 6.41
C ASP A 480 -7.02 -14.31 5.07
N ASP A 481 -7.29 -13.42 4.12
CA ASP A 481 -7.64 -13.86 2.77
C ASP A 481 -6.42 -14.14 1.91
N GLU A 482 -5.22 -14.14 2.49
CA GLU A 482 -4.01 -14.62 1.83
C GLU A 482 -3.63 -16.04 2.23
N ALA A 483 -4.35 -16.65 3.18
CA ALA A 483 -4.06 -17.99 3.66
C ALA A 483 -5.10 -18.94 3.12
N CYS A 484 -4.64 -19.98 2.40
CA CYS A 484 -5.53 -20.92 1.73
C CYS A 484 -5.26 -22.33 2.21
N LEU A 485 -6.34 -23.05 2.52
CA LEU A 485 -6.24 -24.45 2.89
C LEU A 485 -5.74 -25.28 1.73
N GLN A 486 -4.95 -26.30 2.04
CA GLN A 486 -4.39 -27.22 1.07
C GLN A 486 -4.67 -28.65 1.49
N PRO A 487 -4.66 -29.59 0.53
CA PRO A 487 -4.90 -30.99 0.90
C PRO A 487 -3.92 -31.53 1.93
N SER A 488 -2.78 -30.85 2.12
CA SER A 488 -1.84 -31.26 3.16
C SER A 488 -2.39 -31.05 4.56
N GLY A 489 -3.58 -30.46 4.70
CA GLY A 489 -4.10 -30.12 6.01
C GLY A 489 -3.51 -28.87 6.60
N ARG A 490 -2.90 -28.02 5.77
CA ARG A 490 -2.20 -26.83 6.24
C ARG A 490 -2.70 -25.62 5.49
N LEU A 491 -2.31 -24.45 5.96
CA LEU A 491 -2.58 -23.18 5.29
C LEU A 491 -1.32 -22.70 4.59
N ASP A 492 -1.47 -22.13 3.41
CA ASP A 492 -0.35 -21.59 2.65
C ASP A 492 -0.82 -20.38 1.88
N TRP A 493 0.15 -19.61 1.37
CA TRP A 493 -0.16 -18.38 0.66
C TRP A 493 -1.08 -18.66 -0.53
N CYS A 494 -2.16 -17.89 -0.63
CA CYS A 494 -3.16 -18.14 -1.66
C CYS A 494 -2.61 -17.83 -3.04
N ARG A 495 -2.85 -18.74 -3.98
CA ARG A 495 -2.51 -18.55 -5.38
C ARG A 495 -3.68 -19.03 -6.23
N GLY A 496 -4.00 -18.27 -7.26
CA GLY A 496 -5.10 -18.63 -8.14
C GLY A 496 -4.76 -19.77 -9.09
N THR A 497 -4.39 -20.91 -8.52
CA THR A 497 -3.99 -22.09 -9.26
C THR A 497 -4.85 -23.27 -8.83
N ALA A 498 -4.65 -24.41 -9.50
CA ALA A 498 -5.33 -25.63 -9.11
C ALA A 498 -4.77 -26.23 -7.82
N GLN A 499 -3.60 -25.76 -7.37
CA GLN A 499 -3.02 -26.19 -6.11
C GLN A 499 -3.84 -25.72 -4.91
N PHE A 500 -4.84 -24.86 -5.12
CA PHE A 500 -5.66 -24.36 -4.02
C PHE A 500 -7.15 -24.35 -4.35
N TRP A 501 -7.58 -25.09 -5.37
CA TRP A 501 -8.96 -25.06 -5.81
C TRP A 501 -9.73 -26.18 -5.12
N TRP A 502 -10.69 -25.80 -4.28
CA TRP A 502 -11.60 -26.74 -3.65
C TRP A 502 -13.00 -26.57 -4.21
N ASP A 503 -13.74 -27.68 -4.25
CA ASP A 503 -15.16 -27.66 -4.57
C ASP A 503 -15.93 -28.13 -3.34
N PHE A 504 -16.98 -27.40 -2.98
CA PHE A 504 -17.86 -27.77 -1.87
C PHE A 504 -19.12 -28.41 -2.48
N THR A 505 -19.21 -29.73 -2.38
CA THR A 505 -20.25 -30.47 -3.07
C THR A 505 -21.60 -30.26 -2.40
N SER A 506 -22.66 -30.66 -3.12
CA SER A 506 -24.00 -30.59 -2.57
C SER A 506 -24.18 -31.52 -1.38
N SER A 507 -23.39 -32.59 -1.32
CA SER A 507 -23.42 -33.50 -0.19
C SER A 507 -22.69 -32.95 1.04
N GLY A 508 -21.88 -31.91 0.87
CA GLY A 508 -21.11 -31.36 1.96
C GLY A 508 -19.65 -31.77 1.97
N GLN A 509 -19.13 -32.27 0.86
CA GLN A 509 -17.76 -32.74 0.79
C GLN A 509 -16.84 -31.61 0.34
N LEU A 510 -15.66 -31.54 0.94
CA LEU A 510 -14.60 -30.64 0.49
C LEU A 510 -13.71 -31.42 -0.45
N MET A 511 -13.97 -31.30 -1.75
CA MET A 511 -13.26 -32.04 -2.78
C MET A 511 -12.16 -31.16 -3.37
N PHE A 512 -10.95 -31.71 -3.48
CA PHE A 512 -9.84 -31.05 -4.13
C PHE A 512 -9.87 -31.40 -5.61
N ARG A 513 -10.01 -30.38 -6.46
CA ARG A 513 -10.34 -30.63 -7.87
C ARG A 513 -9.29 -31.50 -8.54
N GLU A 514 -8.01 -31.10 -8.45
CA GLU A 514 -6.95 -31.82 -9.15
C GLU A 514 -6.97 -33.31 -8.82
N THR A 515 -6.85 -33.65 -7.54
CA THR A 515 -6.76 -35.05 -7.13
C THR A 515 -8.10 -35.74 -7.05
N LYS A 516 -9.21 -34.99 -7.07
CA LYS A 516 -10.55 -35.54 -6.98
C LYS A 516 -10.73 -36.41 -5.73
N GLN A 517 -10.07 -36.04 -4.64
CA GLN A 517 -10.26 -36.66 -3.34
C GLN A 517 -10.98 -35.68 -2.41
N CYS A 518 -11.56 -36.22 -1.35
N CYS A 518 -11.57 -36.23 -1.36
CA CYS A 518 -12.35 -35.45 -0.41
CA CYS A 518 -12.35 -35.46 -0.41
C CYS A 518 -11.66 -35.41 0.95
C CYS A 518 -11.65 -35.41 0.94
N LEU A 519 -11.97 -34.38 1.71
CA LEU A 519 -11.31 -34.10 2.99
C LEU A 519 -12.10 -34.74 4.13
N SER A 520 -11.41 -35.56 4.93
CA SER A 520 -12.04 -36.31 6.00
C SER A 520 -11.44 -35.92 7.35
N ALA A 521 -12.22 -36.13 8.41
CA ALA A 521 -11.80 -35.85 9.78
C ALA A 521 -11.62 -37.13 10.59
N PHE A 522 -11.56 -38.29 9.94
CA PHE A 522 -11.41 -39.56 10.63
C PHE A 522 -10.22 -39.51 11.58
N GLY A 523 -10.46 -39.94 12.82
CA GLY A 523 -9.39 -39.98 13.82
C GLY A 523 -8.89 -38.63 14.25
N ARG A 524 -9.73 -37.60 14.20
CA ARG A 524 -9.33 -36.24 14.56
C ARG A 524 -8.05 -35.83 13.84
N LYS A 525 -7.85 -36.35 12.63
CA LYS A 525 -6.70 -36.00 11.81
C LYS A 525 -7.19 -35.77 10.38
N LEU A 526 -6.93 -34.59 9.84
CA LEU A 526 -7.38 -34.26 8.49
C LEU A 526 -6.59 -35.05 7.47
N ARG A 527 -7.29 -35.85 6.66
CA ARG A 527 -6.68 -36.66 5.62
C ARG A 527 -7.53 -36.60 4.37
N MET A 528 -6.90 -36.82 3.22
CA MET A 528 -7.60 -36.92 1.95
C MET A 528 -7.99 -38.38 1.71
N VAL A 529 -9.21 -38.59 1.23
CA VAL A 529 -9.75 -39.92 1.01
C VAL A 529 -10.59 -39.94 -0.25
N GLU A 530 -10.86 -41.15 -0.74
CA GLU A 530 -11.74 -41.30 -1.89
C GLU A 530 -13.12 -40.75 -1.53
N CYS A 531 -13.68 -39.96 -2.44
CA CYS A 531 -14.96 -39.33 -2.16
C CYS A 531 -16.07 -40.38 -2.07
N ASP A 532 -16.93 -40.22 -1.08
CA ASP A 532 -18.02 -41.17 -0.84
C ASP A 532 -19.03 -40.48 0.06
N ASP A 533 -20.16 -40.06 -0.50
CA ASP A 533 -21.15 -39.33 0.28
C ASP A 533 -21.70 -40.16 1.44
N THR A 534 -21.48 -41.47 1.43
CA THR A 534 -21.93 -42.32 2.53
C THR A 534 -20.98 -42.28 3.73
N ASP A 535 -19.80 -41.68 3.57
CA ASP A 535 -18.83 -41.60 4.66
C ASP A 535 -19.09 -40.37 5.49
N PRO A 536 -19.61 -40.50 6.73
CA PRO A 536 -19.91 -39.30 7.52
C PRO A 536 -18.67 -38.50 7.89
N TYR A 537 -17.48 -39.10 7.87
CA TYR A 537 -16.28 -38.37 8.26
C TYR A 537 -15.83 -37.37 7.21
N GLN A 538 -16.37 -37.42 6.00
CA GLN A 538 -16.04 -36.45 4.96
C GLN A 538 -17.22 -35.55 4.62
N ILE A 539 -18.24 -35.52 5.47
CA ILE A 539 -19.39 -34.64 5.30
C ILE A 539 -19.23 -33.46 6.23
N TRP A 540 -19.25 -32.26 5.66
CA TRP A 540 -19.04 -31.03 6.40
C TRP A 540 -20.25 -30.13 6.27
N SER A 541 -20.47 -29.31 7.30
CA SER A 541 -21.46 -28.25 7.28
C SER A 541 -20.73 -26.91 7.25
N TRP A 542 -21.23 -25.99 6.43
CA TRP A 542 -20.64 -24.67 6.29
C TRP A 542 -21.76 -23.64 6.21
N THR A 543 -21.75 -22.69 7.12
CA THR A 543 -22.80 -21.67 7.17
C THR A 543 -22.79 -20.83 5.90
N ALA A 544 -23.98 -20.64 5.33
CA ALA A 544 -24.10 -19.78 4.16
C ALA A 544 -23.91 -18.33 4.54
N TYR A 545 -23.16 -17.60 3.71
CA TYR A 545 -22.94 -16.18 3.91
C TYR A 545 -24.04 -15.44 3.14
N ASN A 546 -25.09 -15.05 3.86
CA ASN A 546 -26.17 -14.28 3.27
C ASN A 546 -26.17 -12.89 3.89
N PRO A 547 -25.18 -12.05 3.57
CA PRO A 547 -25.05 -10.76 4.24
C PRO A 547 -26.24 -9.87 3.98
N PRO A 548 -26.40 -8.82 4.77
CA PRO A 548 -27.45 -7.83 4.48
C PRO A 548 -27.15 -7.03 3.23
N ASP A 549 -28.04 -6.09 2.90
CA ASP A 549 -27.83 -5.17 1.78
C ASP A 549 -27.19 -3.87 2.23
N THR A 550 -27.16 -3.60 3.53
CA THR A 550 -26.64 -2.35 4.07
C THR A 550 -25.82 -2.68 5.31
N PHE A 551 -24.61 -2.13 5.38
CA PHE A 551 -23.75 -2.33 6.52
C PHE A 551 -24.05 -1.27 7.57
N THR A 552 -24.53 -1.70 8.73
CA THR A 552 -24.74 -0.81 9.86
C THR A 552 -23.47 -0.81 10.70
N PHE A 553 -22.86 0.37 10.85
CA PHE A 553 -21.61 0.46 11.59
C PHE A 553 -21.83 0.06 13.05
N PRO A 554 -20.81 -0.48 13.70
CA PRO A 554 -20.98 -0.89 15.10
C PRO A 554 -21.09 0.32 16.01
N SER A 555 -21.92 0.17 17.05
CA SER A 555 -22.07 1.24 18.01
C SER A 555 -20.74 1.51 18.71
N VAL A 556 -20.49 2.77 19.01
CA VAL A 556 -19.28 3.17 19.71
C VAL A 556 -19.64 3.46 21.16
N GLY B 1 4.41 -2.15 7.57
CA GLY B 1 4.28 -1.09 6.59
C GLY B 1 4.02 -1.65 5.20
N THR B 2 3.96 -0.77 4.21
CA THR B 2 3.79 -1.21 2.83
C THR B 2 4.87 -2.23 2.48
N THR B 3 4.49 -3.23 1.69
CA THR B 3 5.40 -4.28 1.29
C THR B 3 5.48 -4.36 -0.24
N PRO B 4 6.63 -4.76 -0.79
CA PRO B 4 6.75 -4.86 -2.25
C PRO B 4 5.97 -6.05 -2.79
N SER B 5 5.75 -6.02 -4.10
CA SER B 5 5.01 -7.09 -4.76
C SER B 5 5.88 -8.34 -4.88
N PRO B 6 5.27 -9.53 -4.79
CA PRO B 6 6.05 -10.78 -4.86
C PRO B 6 6.63 -11.02 -6.24
MN MN C . 8.01 4.52 3.03
N1 UDP D . 5.35 9.82 8.28
C2 UDP D . 5.04 11.03 8.87
N3 UDP D . 4.35 10.94 10.05
C4 UDP D . 3.96 9.77 10.69
C5 UDP D . 4.33 8.57 10.02
C6 UDP D . 5.00 8.62 8.86
O2 UDP D . 5.34 12.10 8.38
O4 UDP D . 3.34 9.85 11.77
C1' UDP D . 6.08 9.84 7.00
C2' UDP D . 7.31 8.92 6.97
O2' UDP D . 8.44 9.56 7.52
C3' UDP D . 7.43 8.68 5.46
C4' UDP D . 5.97 8.66 4.98
O4' UDP D . 5.22 9.39 5.99
O3' UDP D . 8.17 9.70 4.81
C5' UDP D . 5.36 7.29 4.81
O5' UDP D . 5.65 6.46 5.95
PA UDP D . 6.37 5.07 5.80
O1A UDP D . 7.53 5.29 4.91
O2A UDP D . 6.66 4.44 7.17
O3A UDP D . 5.30 4.13 5.09
PB UDP D . 5.61 2.73 4.41
O1B UDP D . 6.26 3.13 3.08
O2B UDP D . 6.65 2.11 5.34
O3B UDP D . 4.37 1.90 4.25
HN3 UDP D . 4.14 11.68 10.44
H5 UDP D . 4.11 7.75 10.39
H6 UDP D . 5.23 7.83 8.44
H1' UDP D . 6.37 10.75 6.81
H2' UDP D . 7.12 8.09 7.43
HO2' UDP D . 9.13 9.10 7.37
H3' UDP D . 7.83 7.80 5.30
H4' UDP D . 5.92 9.15 4.15
HO3' UDP D . 8.87 9.87 5.26
H5'1 UDP D . 4.40 7.37 4.70
H5'2 UDP D . 5.74 6.88 4.01
MN MN E . -2.01 -12.64 -3.67
O1 PG4 F . -11.04 -2.89 -18.04
C1 PG4 F . -10.77 -3.73 -16.93
C2 PG4 F . -9.86 -3.06 -15.95
O2 PG4 F . -10.40 -1.81 -15.58
C3 PG4 F . -9.88 -0.72 -16.35
C4 PG4 F . -10.71 0.50 -16.14
O3 PG4 F . -10.84 0.75 -14.75
C5 PG4 F . -11.32 2.07 -14.55
C6 PG4 F . -12.81 2.15 -14.70
O4 PG4 F . -13.20 3.52 -14.66
C7 PG4 F . -14.61 3.61 -14.46
C8 PG4 F . -15.27 3.99 -15.74
O5 PG4 F . -15.12 2.95 -16.70
HO1 PG4 F . -11.54 -3.33 -18.56
H11 PG4 F . -10.35 -4.55 -17.24
H12 PG4 F . -11.61 -3.94 -16.48
H21 PG4 F . -8.99 -2.93 -16.36
H22 PG4 F . -9.76 -3.61 -15.16
H31 PG4 F . -9.90 -0.97 -17.29
H32 PG4 F . -8.97 -0.54 -16.08
H41 PG4 F . -11.60 0.36 -16.53
H42 PG4 F . -10.30 1.26 -16.57
H51 PG4 F . -10.91 2.66 -15.21
H52 PG4 F . -11.08 2.37 -13.66
H61 PG4 F . -13.23 1.66 -13.96
H62 PG4 F . -13.07 1.75 -15.54
H71 PG4 F . -14.79 4.28 -13.78
H72 PG4 F . -14.95 2.75 -14.17
H81 PG4 F . -14.87 4.81 -16.09
H82 PG4 F . -16.22 4.15 -15.59
HO5 PG4 F . -15.41 2.25 -16.34
O5 A2G G . 2.94 -8.10 0.92
C1 A2G G . 2.89 -6.88 0.22
C2 A2G G . 1.57 -6.71 -0.52
N2 A2G G . 1.50 -5.41 -1.15
C3 A2G G . 0.40 -6.91 0.43
O3 A2G G . -0.81 -6.89 -0.30
C4 A2G G . 0.53 -8.23 1.17
O4 A2G G . 0.42 -9.32 0.27
C5 A2G G . 1.89 -8.31 1.85
C6 A2G G . 2.08 -9.68 2.50
O6 A2G G . 1.09 -9.88 3.48
C7 A2G G . 1.43 -5.28 -2.48
O7 A2G G . 1.19 -6.22 -3.23
C8 A2G G . 1.68 -3.90 -3.02
H1 A2G G . 3.70 -6.85 -0.50
H2 A2G G . 1.52 -7.47 -1.30
HN2 A2G G . 1.50 -4.58 -0.56
H3 A2G G . 0.40 -6.10 1.15
HO3 A2G G . -0.63 -6.61 -1.23
H4 A2G G . -0.26 -8.29 1.90
HO4 A2G G . 0.32 -8.98 -0.64
H5 A2G G . 1.94 -7.55 2.63
H61 A2G G . 3.07 -9.74 2.96
H81 A2G G . 2.50 -3.94 -3.74
H82 A2G G . 0.79 -3.53 -3.51
H83 A2G G . 1.97 -3.24 -2.21
H62 A2G G . 2.02 -10.46 1.75
HO6 A2G G . 0.58 -9.06 3.61
#